data_5Y7A
#
_entry.id   5Y7A
#
_cell.length_a   68.480
_cell.length_b   46.513
_cell.length_c   71.311
_cell.angle_alpha   90.00
_cell.angle_beta   104.34
_cell.angle_gamma   90.00
#
_symmetry.space_group_name_H-M   'P 1 21 1'
#
loop_
_entity.id
_entity.type
_entity.pdbx_description
1 polymer 'Kynurenine 3-monooxygenase'
2 non-polymer 'FLAVIN-ADENINE DINUCLEOTIDE'
3 non-polymer '(2S)-2-amino-4-(2-aminophenyl)-4-oxobutanoic acid'
4 water water
#
_entity_poly.entity_id   1
_entity_poly.type   'polypeptide(L)'
_entity_poly.pdbx_seq_one_letter_code
;MGTATDNARQVTIIGAGLAGTLVARLLARNGWQVNLFERRPDPRIETGARGRSINLALAERGAHALRLAGLEREVLAEAV
MMRGRMVHVPGTPPNLQPYGRDDSEVIWSINRDRLNRILLDGAEAAGASIHFNLGLDSVDFARQRLTLSNVSGERLEKRF
HLLIGADGCNSAVRQAMASVVDLGEHLETQPHGYKELQITPEASAQFNLEPNALHIWPHGDYMCIALPNLDRSFTVTLFL
HHQSPAAQPASPCFAQLVDGHAARRFFQRQFPDLSPMLDSLEQDFEHHPTGKLATLRLTTWHVGGQAVLLGDAAHPMVPF
HGQGMNCALEDAVALAEHLQSAADNASALAAFTAQRQPDALAIQAMALENYVEMSSKVASPTYLLERELGQIMAQRQPTR
FIPRYSMVTFSRLPYAQAMARGQIQEQLLKFAVANHSDLTSINLDAVEHEVTRCLPPLSHLCAAALEHHHHHH
;
_entity_poly.pdbx_strand_id   A
#
loop_
_chem_comp.id
_chem_comp.type
_chem_comp.name
_chem_comp.formula
FAD non-polymer 'FLAVIN-ADENINE DINUCLEOTIDE' 'C27 H33 N9 O15 P2'
#
# COMPACT_ATOMS: atom_id res chain seq x y z
N ALA A 8 -26.54 -17.36 14.36
CA ALA A 8 -26.15 -16.41 15.39
C ALA A 8 -25.04 -15.48 14.88
N ARG A 9 -25.45 -14.30 14.39
CA ARG A 9 -24.52 -13.34 13.81
CA ARG A 9 -24.54 -13.33 13.80
C ARG A 9 -23.69 -13.96 12.70
N GLN A 10 -24.25 -13.99 11.49
CA GLN A 10 -23.58 -14.61 10.35
C GLN A 10 -23.02 -13.57 9.39
N VAL A 11 -21.83 -13.85 8.86
CA VAL A 11 -21.23 -12.98 7.84
C VAL A 11 -20.54 -13.79 6.74
N THR A 12 -20.59 -13.25 5.53
CA THR A 12 -19.93 -13.89 4.39
C THR A 12 -18.93 -12.88 3.88
N ILE A 13 -17.66 -13.29 3.78
CA ILE A 13 -16.60 -12.40 3.30
C ILE A 13 -16.08 -12.91 1.95
N ILE A 14 -15.99 -12.01 0.97
CA ILE A 14 -15.46 -12.36 -0.34
C ILE A 14 -14.06 -11.80 -0.44
N GLY A 15 -13.07 -12.67 -0.60
CA GLY A 15 -11.69 -12.23 -0.67
C GLY A 15 -10.92 -12.61 0.58
N ALA A 16 -10.16 -13.68 0.51
CA ALA A 16 -9.28 -14.06 1.61
C ALA A 16 -7.90 -13.46 1.36
N GLY A 17 -7.87 -12.14 1.21
CA GLY A 17 -6.65 -11.41 1.01
C GLY A 17 -6.10 -10.92 2.34
N LEU A 18 -5.77 -9.63 2.42
CA LEU A 18 -5.20 -9.11 3.65
C LEU A 18 -6.31 -8.60 4.57
N ALA A 19 -7.19 -7.76 4.03
CA ALA A 19 -8.31 -7.23 4.80
C ALA A 19 -9.30 -8.31 5.17
N GLY A 20 -9.66 -9.13 4.19
CA GLY A 20 -10.71 -10.12 4.41
C GLY A 20 -10.34 -11.15 5.44
N THR A 21 -9.08 -11.61 5.42
CA THR A 21 -8.66 -12.62 6.36
CA THR A 21 -8.66 -12.63 6.37
C THR A 21 -8.52 -12.06 7.77
N LEU A 22 -8.09 -10.80 7.88
CA LEU A 22 -7.96 -10.20 9.21
C LEU A 22 -9.33 -9.93 9.81
N VAL A 23 -10.25 -9.38 9.02
CA VAL A 23 -11.57 -9.12 9.58
C VAL A 23 -12.27 -10.44 9.91
N ALA A 24 -11.98 -11.50 9.15
CA ALA A 24 -12.53 -12.83 9.43
C ALA A 24 -12.15 -13.32 10.82
N ARG A 25 -10.88 -13.15 11.17
CA ARG A 25 -10.38 -13.53 12.49
C ARG A 25 -11.01 -12.71 13.61
N LEU A 26 -11.06 -11.39 13.42
CA LEU A 26 -11.59 -10.52 14.46
C LEU A 26 -13.07 -10.82 14.75
N LEU A 27 -13.83 -11.09 13.70
CA LEU A 27 -15.26 -11.38 13.87
C LEU A 27 -15.47 -12.77 14.45
N ALA A 28 -14.75 -13.76 13.91
CA ALA A 28 -14.90 -15.13 14.37
C ALA A 28 -14.50 -15.27 15.83
N ARG A 29 -13.43 -14.58 16.20
CA ARG A 29 -12.99 -14.39 17.59
C ARG A 29 -14.17 -14.02 18.48
N ASN A 30 -14.96 -13.08 17.98
CA ASN A 30 -16.08 -12.50 18.72
C ASN A 30 -17.36 -13.33 18.67
N GLY A 31 -17.28 -14.54 18.10
CA GLY A 31 -18.42 -15.44 18.10
C GLY A 31 -19.27 -15.37 16.84
N TRP A 32 -18.84 -14.59 15.85
CA TRP A 32 -19.54 -14.56 14.56
C TRP A 32 -19.33 -15.87 13.81
N GLN A 33 -20.37 -16.32 13.13
CA GLN A 33 -20.24 -17.41 12.17
C GLN A 33 -19.74 -16.83 10.86
N VAL A 34 -18.50 -17.13 10.49
CA VAL A 34 -17.85 -16.49 9.35
C VAL A 34 -17.56 -17.49 8.23
N ASN A 35 -17.98 -17.14 7.02
CA ASN A 35 -17.62 -17.92 5.84
C ASN A 35 -16.86 -17.02 4.88
N LEU A 36 -15.71 -17.48 4.42
CA LEU A 36 -14.80 -16.65 3.62
C LEU A 36 -14.62 -17.36 2.29
N PHE A 37 -14.87 -16.65 1.19
CA PHE A 37 -14.74 -17.25 -0.14
C PHE A 37 -13.58 -16.61 -0.89
N GLU A 38 -12.74 -17.44 -1.50
CA GLU A 38 -11.52 -16.96 -2.16
C GLU A 38 -11.36 -17.59 -3.53
N ARG A 39 -11.07 -16.76 -4.53
CA ARG A 39 -10.94 -17.22 -5.91
C ARG A 39 -9.68 -18.06 -6.15
N ARG A 40 -8.62 -17.78 -5.40
CA ARG A 40 -7.34 -18.46 -5.60
CA ARG A 40 -7.34 -18.46 -5.59
C ARG A 40 -7.25 -19.73 -4.75
N PRO A 41 -6.22 -20.56 -5.02
CA PRO A 41 -6.04 -21.76 -4.20
C PRO A 41 -5.47 -21.38 -2.84
N ASP A 42 -5.50 -22.32 -1.89
CA ASP A 42 -4.98 -22.10 -0.55
C ASP A 42 -3.45 -22.15 -0.63
N PRO A 43 -2.76 -21.04 -0.31
CA PRO A 43 -1.30 -21.01 -0.43
C PRO A 43 -0.61 -21.86 0.64
N ARG A 44 -1.38 -22.30 1.64
CA ARG A 44 -0.83 -23.12 2.73
C ARG A 44 -0.63 -24.56 2.32
N ILE A 45 -1.23 -24.97 1.21
CA ILE A 45 -0.98 -26.31 0.70
C ILE A 45 0.36 -26.26 -0.02
N GLU A 46 1.37 -26.88 0.60
CA GLU A 46 2.76 -26.78 0.10
C GLU A 46 2.88 -27.47 -1.25
N THR A 47 3.56 -26.83 -2.19
CA THR A 47 3.80 -27.39 -3.51
C THR A 47 5.28 -27.27 -3.80
N GLY A 48 5.73 -27.80 -4.94
CA GLY A 48 7.10 -27.60 -5.37
C GLY A 48 7.33 -26.24 -6.00
N ALA A 49 6.25 -25.48 -6.17
CA ALA A 49 6.36 -24.13 -6.71
C ALA A 49 7.25 -23.30 -5.80
N ARG A 50 7.86 -22.26 -6.35
CA ARG A 50 8.36 -21.20 -5.48
C ARG A 50 7.58 -19.93 -5.74
N GLY A 51 6.99 -19.39 -4.68
CA GLY A 51 6.26 -18.15 -4.78
C GLY A 51 7.11 -17.10 -5.44
N ARG A 52 6.51 -16.37 -6.38
CA ARG A 52 7.15 -15.15 -6.82
C ARG A 52 6.80 -14.09 -5.80
N SER A 53 7.82 -13.73 -5.04
CA SER A 53 7.66 -12.93 -3.84
C SER A 53 7.29 -11.48 -4.11
N ILE A 54 6.00 -11.20 -4.21
CA ILE A 54 5.58 -9.82 -4.03
C ILE A 54 5.91 -9.57 -2.59
N ASN A 55 6.71 -8.55 -2.30
CA ASN A 55 6.88 -8.17 -0.91
C ASN A 55 6.44 -6.73 -0.63
N LEU A 56 5.97 -6.51 0.59
CA LEU A 56 5.29 -5.28 0.96
C LEU A 56 5.94 -4.61 2.17
N ALA A 57 5.91 -3.28 2.20
CA ALA A 57 6.39 -2.54 3.36
C ALA A 57 5.29 -2.51 4.42
N LEU A 58 5.58 -3.11 5.57
CA LEU A 58 4.64 -3.11 6.70
C LEU A 58 5.08 -2.01 7.66
N ALA A 59 4.20 -1.04 7.93
CA ALA A 59 4.55 0.09 8.79
C ALA A 59 3.85 -0.04 10.15
N GLU A 60 4.11 0.90 11.06
CA GLU A 60 3.54 0.81 12.41
C GLU A 60 2.02 0.58 12.43
N ARG A 61 1.30 1.31 11.59
CA ARG A 61 -0.15 1.16 11.40
C ARG A 61 -0.55 -0.28 11.23
N GLY A 62 0.09 -0.93 10.26
CA GLY A 62 -0.21 -2.30 9.91
C GLY A 62 0.19 -3.25 11.00
N ALA A 63 1.38 -3.04 11.54
CA ALA A 63 1.87 -3.86 12.65
C ALA A 63 0.94 -3.79 13.85
N HIS A 64 0.44 -2.59 14.16
CA HIS A 64 -0.43 -2.41 15.32
C HIS A 64 -1.77 -3.11 15.11
N ALA A 65 -2.26 -3.09 13.88
CA ALA A 65 -3.49 -3.84 13.55
C ALA A 65 -3.28 -5.33 13.74
N LEU A 66 -2.13 -5.84 13.32
CA LEU A 66 -1.83 -7.25 13.53
C LEU A 66 -1.69 -7.56 15.02
N ARG A 67 -1.12 -6.61 15.77
CA ARG A 67 -0.96 -6.75 17.21
C ARG A 67 -2.31 -6.91 17.91
N LEU A 68 -3.30 -6.13 17.47
CA LEU A 68 -4.64 -6.24 18.05
C LEU A 68 -5.21 -7.63 17.81
N ALA A 69 -4.80 -8.26 16.70
CA ALA A 69 -5.31 -9.59 16.36
C ALA A 69 -4.45 -10.72 16.91
N GLY A 70 -3.34 -10.35 17.56
CA GLY A 70 -2.46 -11.33 18.18
C GLY A 70 -1.61 -12.05 17.16
N LEU A 71 -1.37 -11.40 16.03
CA LEU A 71 -0.60 -12.00 14.93
C LEU A 71 0.69 -11.26 14.60
N GLU A 72 0.99 -10.18 15.30
CA GLU A 72 2.13 -9.35 14.93
C GLU A 72 3.43 -10.11 15.09
N ARG A 73 3.54 -10.84 16.20
CA ARG A 73 4.79 -11.53 16.50
C ARG A 73 5.12 -12.53 15.40
N GLU A 74 4.11 -13.28 14.96
CA GLU A 74 4.29 -14.30 13.95
C GLU A 74 4.74 -13.70 12.60
N VAL A 75 4.10 -12.61 12.22
CA VAL A 75 4.41 -11.92 10.97
C VAL A 75 5.80 -11.32 10.99
N LEU A 76 6.15 -10.64 12.08
CA LEU A 76 7.45 -10.00 12.18
C LEU A 76 8.59 -11.02 12.17
N ALA A 77 8.34 -12.21 12.68
CA ALA A 77 9.37 -13.25 12.66
C ALA A 77 9.81 -13.59 11.23
N GLU A 78 8.93 -13.33 10.27
CA GLU A 78 9.21 -13.61 8.85
C GLU A 78 9.38 -12.34 8.03
N ALA A 79 9.68 -11.23 8.70
CA ALA A 79 9.82 -9.95 8.00
C ALA A 79 11.25 -9.43 8.11
N VAL A 80 11.74 -8.80 7.04
CA VAL A 80 13.10 -8.26 7.03
C VAL A 80 13.02 -6.81 7.49
N MET A 81 13.85 -6.44 8.46
CA MET A 81 13.86 -5.07 8.96
C MET A 81 14.53 -4.14 7.96
N MET A 82 13.87 -3.03 7.66
CA MET A 82 14.49 -2.00 6.83
C MET A 82 14.72 -0.79 7.71
N ARG A 83 15.99 -0.48 7.98
CA ARG A 83 16.37 0.56 8.93
C ARG A 83 16.45 1.93 8.28
N GLY A 84 16.32 1.97 6.95
CA GLY A 84 16.47 3.22 6.24
C GLY A 84 16.30 2.99 4.75
N ARG A 85 16.41 4.08 4.00
CA ARG A 85 16.24 4.07 2.56
CA ARG A 85 16.26 3.98 2.57
C ARG A 85 17.61 4.19 1.88
N MET A 86 17.93 3.26 0.99
CA MET A 86 19.17 3.32 0.24
C MET A 86 18.87 3.94 -1.12
N VAL A 87 19.32 5.17 -1.34
CA VAL A 87 19.06 5.83 -2.61
C VAL A 87 20.22 5.62 -3.58
N HIS A 88 19.93 5.08 -4.76
CA HIS A 88 20.95 4.89 -5.77
C HIS A 88 20.83 5.94 -6.85
N VAL A 89 21.72 6.91 -6.81
CA VAL A 89 21.85 7.90 -7.87
C VAL A 89 23.33 8.05 -8.22
N PRO A 90 23.61 8.29 -9.52
CA PRO A 90 24.95 8.34 -10.13
C PRO A 90 25.84 9.42 -9.52
N GLY A 91 27.12 9.09 -9.30
CA GLY A 91 28.09 10.06 -8.84
C GLY A 91 28.45 9.91 -7.37
N THR A 92 27.74 9.02 -6.68
CA THR A 92 28.02 8.74 -5.28
C THR A 92 27.74 7.27 -4.96
N PRO A 93 28.45 6.73 -3.95
CA PRO A 93 28.12 5.40 -3.44
C PRO A 93 26.72 5.40 -2.84
N PRO A 94 26.13 4.22 -2.61
CA PRO A 94 24.79 4.11 -2.03
C PRO A 94 24.70 4.93 -0.75
N ASN A 95 23.59 5.65 -0.59
CA ASN A 95 23.42 6.64 0.46
C ASN A 95 22.31 6.19 1.41
N LEU A 96 22.70 5.69 2.59
CA LEU A 96 21.69 5.21 3.53
C LEU A 96 21.09 6.34 4.35
N GLN A 97 19.78 6.52 4.21
CA GLN A 97 19.06 7.53 4.95
C GLN A 97 18.31 6.83 6.07
N PRO A 98 18.86 6.84 7.29
CA PRO A 98 18.18 6.16 8.40
C PRO A 98 16.78 6.71 8.65
N TYR A 99 15.83 5.82 8.91
CA TYR A 99 14.44 6.22 9.14
C TYR A 99 14.26 6.99 10.43
N GLY A 100 13.44 8.05 10.35
CA GLY A 100 13.09 8.82 11.52
C GLY A 100 14.21 9.67 12.10
N ARG A 101 14.09 9.92 13.39
CA ARG A 101 14.79 10.99 14.09
C ARG A 101 16.03 10.47 14.79
N ASP A 102 15.79 9.56 15.74
CA ASP A 102 16.81 8.88 16.49
C ASP A 102 17.60 7.93 15.59
N ASP A 103 17.30 7.98 14.30
CA ASP A 103 17.83 7.02 13.34
C ASP A 103 17.54 5.59 13.78
N SER A 104 16.36 5.35 14.34
CA SER A 104 16.02 3.98 14.75
C SER A 104 14.53 3.61 14.67
N GLU A 105 13.79 4.23 13.75
CA GLU A 105 12.48 3.73 13.37
C GLU A 105 12.73 2.72 12.25
N VAL A 106 11.79 1.81 12.03
CA VAL A 106 11.95 0.82 10.97
C VAL A 106 10.66 0.58 10.19
N ILE A 107 10.81 0.03 8.99
CA ILE A 107 9.71 -0.47 8.17
C ILE A 107 10.02 -1.94 7.93
N TRP A 108 9.01 -2.79 7.86
CA TRP A 108 9.24 -4.22 7.65
C TRP A 108 8.92 -4.64 6.22
N SER A 109 9.78 -5.47 5.65
CA SER A 109 9.51 -6.03 4.33
C SER A 109 8.99 -7.45 4.49
N ILE A 110 7.72 -7.65 4.19
CA ILE A 110 7.11 -8.97 4.37
C ILE A 110 6.67 -9.54 3.03
N ASN A 111 7.01 -10.80 2.78
CA ASN A 111 6.53 -11.48 1.58
C ASN A 111 4.99 -11.62 1.63
N ARG A 112 4.32 -11.20 0.56
CA ARG A 112 2.86 -11.20 0.56
CA ARG A 112 2.86 -11.21 0.56
C ARG A 112 2.28 -12.58 0.86
N ASP A 113 2.82 -13.61 0.24
CA ASP A 113 2.27 -14.95 0.46
C ASP A 113 2.50 -15.46 1.89
N ARG A 114 3.66 -15.18 2.47
CA ARG A 114 3.92 -15.57 3.85
C ARG A 114 2.92 -14.92 4.79
N LEU A 115 2.67 -13.64 4.57
CA LEU A 115 1.72 -12.90 5.36
C LEU A 115 0.34 -13.49 5.18
N ASN A 116 -0.02 -13.80 3.93
CA ASN A 116 -1.33 -14.37 3.66
C ASN A 116 -1.53 -15.71 4.35
N ARG A 117 -0.49 -16.55 4.37
CA ARG A 117 -0.59 -17.84 5.05
C ARG A 117 -0.83 -17.70 6.54
N ILE A 118 -0.13 -16.75 7.16
CA ILE A 118 -0.27 -16.51 8.59
C ILE A 118 -1.68 -16.02 8.92
N LEU A 119 -2.18 -15.09 8.11
CA LEU A 119 -3.53 -14.57 8.31
C LEU A 119 -4.59 -15.66 8.14
N LEU A 120 -4.42 -16.55 7.16
CA LEU A 120 -5.38 -17.63 6.96
C LEU A 120 -5.43 -18.56 8.16
N ASP A 121 -4.25 -18.91 8.68
CA ASP A 121 -4.22 -19.75 9.88
C ASP A 121 -4.89 -19.05 11.06
N GLY A 122 -4.67 -17.75 11.17
CA GLY A 122 -5.31 -16.97 12.23
C GLY A 122 -6.83 -16.94 12.13
N ALA A 123 -7.34 -16.88 10.91
CA ALA A 123 -8.79 -16.87 10.71
C ALA A 123 -9.38 -18.22 11.05
N GLU A 124 -8.76 -19.29 10.56
CA GLU A 124 -9.27 -20.64 10.84
C GLU A 124 -9.17 -20.96 12.33
N ALA A 125 -8.08 -20.54 12.96
CA ALA A 125 -7.90 -20.75 14.38
C ALA A 125 -9.01 -20.10 15.20
N ALA A 126 -9.53 -18.98 14.69
CA ALA A 126 -10.59 -18.24 15.36
C ALA A 126 -11.99 -18.81 15.07
N GLY A 127 -12.07 -19.70 14.08
CA GLY A 127 -13.32 -20.38 13.79
C GLY A 127 -13.94 -20.10 12.45
N ALA A 128 -13.28 -19.26 11.65
CA ALA A 128 -13.77 -18.95 10.30
C ALA A 128 -13.66 -20.18 9.39
N SER A 129 -14.63 -20.34 8.50
CA SER A 129 -14.61 -21.41 7.50
C SER A 129 -14.20 -20.80 6.16
N ILE A 130 -13.12 -21.32 5.56
CA ILE A 130 -12.58 -20.74 4.33
C ILE A 130 -12.74 -21.69 3.15
N HIS A 131 -13.23 -21.17 2.04
CA HIS A 131 -13.49 -21.96 0.84
C HIS A 131 -12.72 -21.36 -0.31
N PHE A 132 -11.78 -22.11 -0.86
CA PHE A 132 -10.90 -21.60 -1.90
C PHE A 132 -11.36 -22.06 -3.28
N ASN A 133 -10.71 -21.55 -4.31
CA ASN A 133 -11.04 -21.88 -5.70
C ASN A 133 -12.51 -21.62 -6.04
N LEU A 134 -13.06 -20.57 -5.46
CA LEU A 134 -14.43 -20.15 -5.74
C LEU A 134 -14.47 -18.63 -5.95
N GLY A 135 -14.83 -18.20 -7.15
CA GLY A 135 -14.88 -16.78 -7.44
C GLY A 135 -16.29 -16.23 -7.47
N LEU A 136 -16.52 -15.11 -6.80
CA LEU A 136 -17.82 -14.45 -6.85
C LEU A 136 -18.10 -13.91 -8.24
N ASP A 137 -19.24 -14.29 -8.81
CA ASP A 137 -19.64 -13.85 -10.14
C ASP A 137 -20.68 -12.74 -10.10
N SER A 138 -21.66 -12.89 -9.22
CA SER A 138 -22.75 -11.92 -9.13
C SER A 138 -23.39 -11.92 -7.76
N VAL A 139 -24.12 -10.85 -7.46
CA VAL A 139 -24.89 -10.74 -6.23
C VAL A 139 -26.27 -10.24 -6.59
N ASP A 140 -27.31 -10.91 -6.10
CA ASP A 140 -28.67 -10.42 -6.19
C ASP A 140 -29.05 -9.89 -4.81
N PHE A 141 -29.14 -8.57 -4.69
CA PHE A 141 -29.41 -7.95 -3.40
C PHE A 141 -30.86 -8.04 -2.93
N ALA A 142 -31.78 -8.32 -3.84
CA ALA A 142 -33.18 -8.47 -3.45
C ALA A 142 -33.44 -9.84 -2.83
N ARG A 143 -32.55 -10.79 -3.10
CA ARG A 143 -32.68 -12.14 -2.58
C ARG A 143 -31.51 -12.46 -1.65
N GLN A 144 -30.58 -11.51 -1.54
CA GLN A 144 -29.31 -11.71 -0.83
C GLN A 144 -28.71 -13.07 -1.18
N ARG A 145 -28.58 -13.29 -2.48
CA ARG A 145 -28.03 -14.52 -3.01
C ARG A 145 -26.73 -14.22 -3.73
N LEU A 146 -25.73 -15.08 -3.56
CA LEU A 146 -24.47 -14.96 -4.26
C LEU A 146 -24.38 -16.05 -5.31
N THR A 147 -23.71 -15.77 -6.43
CA THR A 147 -23.40 -16.81 -7.40
C THR A 147 -21.89 -16.89 -7.54
N LEU A 148 -21.34 -18.09 -7.32
CA LEU A 148 -19.89 -18.27 -7.38
C LEU A 148 -19.58 -19.32 -8.44
N SER A 149 -18.36 -19.26 -8.98
CA SER A 149 -17.94 -20.21 -10.00
C SER A 149 -16.46 -20.52 -9.86
N ASN A 150 -16.04 -21.60 -10.52
CA ASN A 150 -14.64 -21.81 -10.79
C ASN A 150 -14.51 -22.13 -12.27
N VAL A 151 -13.34 -21.85 -12.85
CA VAL A 151 -13.13 -22.14 -14.26
C VAL A 151 -13.26 -23.64 -14.52
N SER A 152 -12.97 -24.44 -13.50
CA SER A 152 -13.10 -25.90 -13.55
C SER A 152 -14.40 -26.38 -12.89
N GLY A 153 -14.34 -26.68 -11.59
CA GLY A 153 -15.54 -26.98 -10.80
C GLY A 153 -16.46 -25.79 -10.96
N GLU A 154 -17.76 -26.01 -10.96
CA GLU A 154 -18.59 -25.00 -11.61
C GLU A 154 -19.43 -24.02 -10.79
N ARG A 155 -20.73 -24.25 -10.65
CA ARG A 155 -21.62 -23.19 -10.15
C ARG A 155 -22.28 -23.41 -8.79
N LEU A 156 -22.25 -22.35 -7.98
CA LEU A 156 -22.73 -22.40 -6.60
C LEU A 156 -23.56 -21.15 -6.27
N GLU A 157 -24.80 -21.36 -5.83
CA GLU A 157 -25.64 -20.26 -5.34
C GLU A 157 -25.78 -20.31 -3.82
N LYS A 158 -25.54 -19.19 -3.16
CA LYS A 158 -25.59 -19.14 -1.69
C LYS A 158 -26.25 -17.87 -1.17
N ARG A 159 -27.00 -18.00 -0.07
CA ARG A 159 -27.57 -16.85 0.59
C ARG A 159 -26.52 -16.24 1.50
N PHE A 160 -26.72 -14.98 1.86
CA PHE A 160 -25.91 -14.33 2.87
C PHE A 160 -26.80 -13.48 3.79
N HIS A 161 -26.29 -13.19 4.98
CA HIS A 161 -26.99 -12.32 5.94
C HIS A 161 -26.35 -10.96 5.90
N LEU A 162 -25.02 -10.96 5.91
CA LEU A 162 -24.21 -9.75 5.79
C LEU A 162 -23.07 -10.07 4.84
N LEU A 163 -22.78 -9.17 3.91
CA LEU A 163 -21.74 -9.44 2.92
C LEU A 163 -20.61 -8.44 3.03
N ILE A 164 -19.38 -8.93 3.14
CA ILE A 164 -18.23 -8.04 3.18
C ILE A 164 -17.39 -8.22 1.93
N GLY A 165 -17.25 -7.15 1.15
CA GLY A 165 -16.43 -7.17 -0.05
C GLY A 165 -15.00 -6.81 0.31
N ALA A 166 -14.17 -7.84 0.44
CA ALA A 166 -12.75 -7.66 0.67
C ALA A 166 -12.00 -8.22 -0.52
N ASP A 167 -12.56 -8.00 -1.71
CA ASP A 167 -12.12 -8.72 -2.89
C ASP A 167 -11.25 -7.91 -3.85
N GLY A 168 -10.56 -6.91 -3.32
CA GLY A 168 -9.47 -6.28 -4.07
C GLY A 168 -9.86 -5.13 -4.97
N CYS A 169 -8.90 -4.63 -5.76
CA CYS A 169 -9.14 -3.43 -6.54
CA CYS A 169 -9.10 -3.45 -6.59
C CYS A 169 -10.16 -3.62 -7.66
N ASN A 170 -10.36 -4.85 -8.11
CA ASN A 170 -11.40 -5.13 -9.10
C ASN A 170 -12.62 -5.80 -8.51
N SER A 171 -12.92 -5.45 -7.26
CA SER A 171 -14.05 -6.00 -6.49
C SER A 171 -15.31 -6.34 -7.28
N ALA A 172 -15.70 -7.61 -7.26
CA ALA A 172 -17.00 -8.02 -7.79
C ALA A 172 -18.14 -7.55 -6.90
N VAL A 173 -17.92 -7.54 -5.59
CA VAL A 173 -18.94 -7.03 -4.66
C VAL A 173 -19.23 -5.56 -4.96
N ARG A 174 -18.19 -4.77 -5.22
CA ARG A 174 -18.39 -3.36 -5.54
C ARG A 174 -19.20 -3.21 -6.83
N GLN A 175 -18.83 -3.99 -7.84
CA GLN A 175 -19.57 -4.00 -9.12
C GLN A 175 -21.06 -4.28 -8.89
N ALA A 176 -21.35 -5.29 -8.06
CA ALA A 176 -22.74 -5.68 -7.81
C ALA A 176 -23.50 -4.60 -7.04
N MET A 177 -22.81 -3.92 -6.14
CA MET A 177 -23.45 -2.91 -5.29
C MET A 177 -23.91 -1.69 -6.07
N ALA A 178 -23.15 -1.33 -7.10
CA ALA A 178 -23.44 -0.12 -7.88
C ALA A 178 -24.92 0.00 -8.29
N SER A 179 -25.63 -1.12 -8.34
CA SER A 179 -27.03 -1.13 -8.73
C SER A 179 -27.98 -0.66 -7.63
N VAL A 180 -27.78 -1.19 -6.42
CA VAL A 180 -28.69 -0.93 -5.31
C VAL A 180 -28.37 0.39 -4.57
N VAL A 181 -27.20 0.95 -4.83
CA VAL A 181 -26.84 2.28 -4.34
C VAL A 181 -25.91 2.98 -5.32
N ASP A 182 -26.05 4.29 -5.43
CA ASP A 182 -25.09 5.06 -6.23
C ASP A 182 -23.82 5.23 -5.43
N LEU A 183 -22.73 4.65 -5.90
CA LEU A 183 -21.45 4.73 -5.21
C LEU A 183 -20.69 5.99 -5.56
N GLY A 184 -21.19 6.71 -6.55
CA GLY A 184 -20.60 7.96 -7.00
C GLY A 184 -19.13 7.80 -7.36
N GLU A 185 -18.79 6.65 -7.92
CA GLU A 185 -17.39 6.32 -8.18
C GLU A 185 -16.72 7.24 -9.20
N HIS A 186 -15.45 7.54 -8.97
CA HIS A 186 -14.64 8.31 -9.91
C HIS A 186 -13.27 7.69 -9.97
N LEU A 187 -12.85 7.26 -11.15
CA LEU A 187 -11.54 6.65 -11.31
C LEU A 187 -10.57 7.67 -11.87
N GLU A 188 -9.42 7.80 -11.22
CA GLU A 188 -8.36 8.66 -11.71
C GLU A 188 -7.24 7.74 -12.17
N THR A 189 -7.15 7.51 -13.48
CA THR A 189 -6.14 6.60 -13.99
C THR A 189 -4.72 7.15 -13.81
N GLN A 190 -3.76 6.25 -13.71
CA GLN A 190 -2.36 6.60 -13.49
C GLN A 190 -1.57 6.31 -14.76
N PRO A 191 -0.83 7.31 -15.27
CA PRO A 191 -0.07 7.10 -16.51
C PRO A 191 1.04 6.06 -16.35
N HIS A 192 1.46 5.79 -15.11
CA HIS A 192 2.49 4.79 -14.86
C HIS A 192 1.88 3.39 -14.82
N GLY A 193 2.58 2.45 -15.45
CA GLY A 193 2.33 1.04 -15.21
C GLY A 193 3.47 0.55 -14.34
N TYR A 194 3.43 -0.70 -13.93
CA TYR A 194 4.56 -1.27 -13.20
C TYR A 194 4.90 -2.65 -13.72
N LYS A 195 6.12 -3.09 -13.43
CA LYS A 195 6.58 -4.41 -13.81
C LYS A 195 7.37 -4.97 -12.65
N GLU A 196 7.06 -6.21 -12.26
CA GLU A 196 7.80 -6.84 -11.16
C GLU A 196 8.98 -7.65 -11.68
N LEU A 197 10.14 -7.43 -11.07
CA LEU A 197 11.38 -8.07 -11.50
C LEU A 197 12.08 -8.66 -10.28
N GLN A 198 13.18 -9.38 -10.49
CA GLN A 198 13.88 -10.00 -9.36
C GLN A 198 15.39 -9.80 -9.37
N ILE A 199 15.97 -9.66 -8.17
CA ILE A 199 17.39 -9.83 -7.98
C ILE A 199 17.58 -11.09 -7.14
N THR A 200 18.37 -12.03 -7.64
CA THR A 200 18.62 -13.29 -6.95
C THR A 200 19.51 -13.09 -5.74
N PRO A 201 19.50 -14.04 -4.80
CA PRO A 201 20.39 -13.97 -3.63
C PRO A 201 21.82 -13.92 -4.09
N GLU A 202 22.14 -14.65 -5.16
CA GLU A 202 23.48 -14.71 -5.72
C GLU A 202 23.93 -13.33 -6.19
N ALA A 203 23.08 -12.66 -6.97
CA ALA A 203 23.44 -11.34 -7.48
C ALA A 203 23.46 -10.28 -6.39
N SER A 204 22.54 -10.36 -5.44
CA SER A 204 22.49 -9.34 -4.39
C SER A 204 23.74 -9.35 -3.52
N ALA A 205 24.20 -10.54 -3.16
CA ALA A 205 25.48 -10.70 -2.46
C ALA A 205 26.68 -10.23 -3.29
N GLN A 206 26.69 -10.58 -4.57
CA GLN A 206 27.82 -10.23 -5.44
C GLN A 206 28.01 -8.72 -5.53
N PHE A 207 26.90 -7.98 -5.54
CA PHE A 207 26.98 -6.53 -5.69
C PHE A 207 26.82 -5.85 -4.34
N ASN A 208 26.84 -6.64 -3.28
CA ASN A 208 26.82 -6.11 -1.93
C ASN A 208 25.61 -5.22 -1.66
N LEU A 209 24.45 -5.64 -2.14
CA LEU A 209 23.23 -4.87 -1.95
C LEU A 209 22.73 -5.10 -0.53
N GLU A 210 22.46 -4.01 0.20
CA GLU A 210 22.20 -4.08 1.64
C GLU A 210 20.83 -4.68 1.94
N PRO A 211 20.79 -5.79 2.66
CA PRO A 211 19.52 -6.50 2.87
C PRO A 211 18.58 -5.73 3.77
N ASN A 212 19.11 -5.07 4.79
CA ASN A 212 18.26 -4.40 5.78
C ASN A 212 17.95 -2.94 5.45
N ALA A 213 17.49 -2.72 4.22
CA ALA A 213 17.11 -1.39 3.75
C ALA A 213 16.14 -1.46 2.58
N LEU A 214 15.43 -0.35 2.36
CA LEU A 214 14.56 -0.19 1.22
C LEU A 214 15.37 0.55 0.18
N HIS A 215 15.46 0.01 -1.03
CA HIS A 215 16.30 0.60 -2.06
C HIS A 215 15.47 1.32 -3.11
N ILE A 216 15.94 2.49 -3.55
CA ILE A 216 15.28 3.21 -4.65
C ILE A 216 16.26 3.69 -5.69
N TRP A 217 15.84 3.60 -6.95
CA TRP A 217 16.58 4.13 -8.11
C TRP A 217 15.69 5.16 -8.77
N PRO A 218 15.75 6.41 -8.30
CA PRO A 218 14.93 7.49 -8.88
C PRO A 218 15.41 7.87 -10.28
N HIS A 219 14.48 8.20 -11.18
CA HIS A 219 14.85 8.65 -12.52
C HIS A 219 13.83 9.58 -13.17
N GLY A 220 13.27 10.49 -12.39
CA GLY A 220 12.32 11.45 -12.93
C GLY A 220 10.94 10.86 -13.11
N ASP A 221 10.51 10.73 -14.36
CA ASP A 221 9.16 10.22 -14.63
C ASP A 221 9.09 8.69 -14.60
N TYR A 222 10.21 8.06 -14.29
CA TYR A 222 10.23 6.63 -14.01
C TYR A 222 11.27 6.28 -12.95
N MET A 223 11.11 5.12 -12.31
CA MET A 223 11.98 4.75 -11.19
C MET A 223 11.85 3.28 -10.88
N CYS A 224 12.83 2.74 -10.15
CA CYS A 224 12.72 1.38 -9.58
C CYS A 224 12.82 1.42 -8.07
N ILE A 225 12.13 0.49 -7.42
CA ILE A 225 12.32 0.29 -6.00
CA ILE A 225 12.31 0.29 -5.99
C ILE A 225 12.58 -1.20 -5.78
N ALA A 226 13.21 -1.54 -4.66
CA ALA A 226 13.50 -2.94 -4.34
C ALA A 226 13.35 -3.20 -2.85
N LEU A 227 12.60 -4.25 -2.52
CA LEU A 227 12.43 -4.67 -1.13
C LEU A 227 13.04 -6.05 -0.91
N PRO A 228 13.70 -6.24 0.24
CA PRO A 228 14.44 -7.47 0.52
C PRO A 228 13.55 -8.62 0.96
N ASN A 229 14.03 -9.83 0.71
CA ASN A 229 13.38 -11.06 1.20
C ASN A 229 14.32 -11.78 2.15
N LEU A 230 13.79 -12.70 2.94
CA LEU A 230 14.59 -13.47 3.91
C LEU A 230 15.76 -14.19 3.27
N ASP A 231 15.61 -14.57 2.01
CA ASP A 231 16.64 -15.35 1.32
C ASP A 231 17.65 -14.45 0.62
N ARG A 232 17.59 -13.15 0.89
CA ARG A 232 18.50 -12.15 0.32
C ARG A 232 18.18 -11.81 -1.13
N SER A 233 17.11 -12.39 -1.67
CA SER A 233 16.63 -11.92 -2.97
C SER A 233 15.91 -10.60 -2.75
N PHE A 234 15.73 -9.81 -3.80
CA PHE A 234 14.94 -8.59 -3.68
C PHE A 234 13.84 -8.59 -4.72
N THR A 235 12.65 -8.12 -4.35
CA THR A 235 11.63 -7.91 -5.35
C THR A 235 11.72 -6.47 -5.83
N VAL A 236 11.92 -6.30 -7.14
CA VAL A 236 12.14 -5.00 -7.76
C VAL A 236 10.89 -4.60 -8.52
N THR A 237 10.46 -3.35 -8.36
CA THR A 237 9.34 -2.84 -9.13
C THR A 237 9.79 -1.68 -9.99
N LEU A 238 9.53 -1.78 -11.29
CA LEU A 238 9.74 -0.67 -12.20
C LEU A 238 8.44 0.11 -12.39
N PHE A 239 8.48 1.41 -12.14
CA PHE A 239 7.38 2.30 -12.46
C PHE A 239 7.74 3.13 -13.69
N LEU A 240 6.90 3.05 -14.72
CA LEU A 240 7.18 3.67 -16.01
C LEU A 240 5.87 3.89 -16.77
N HIS A 241 5.78 4.98 -17.53
CA HIS A 241 4.58 5.29 -18.32
C HIS A 241 4.18 4.14 -19.26
N HIS A 242 2.88 3.91 -19.41
CA HIS A 242 2.42 2.94 -20.41
C HIS A 242 2.78 3.43 -21.80
N GLN A 243 2.46 4.70 -22.04
CA GLN A 243 2.60 5.33 -23.35
C GLN A 243 3.39 6.64 -23.23
N SER A 244 3.99 7.07 -24.34
CA SER A 244 4.64 8.38 -24.39
C SER A 244 3.58 9.48 -24.47
N PRO A 245 3.81 10.59 -23.76
CA PRO A 245 2.91 11.74 -23.62
C PRO A 245 3.09 12.74 -24.76
N ALA A 246 2.11 13.62 -24.93
CA ALA A 246 2.15 14.64 -25.98
C ALA A 246 3.43 15.49 -25.95
N ALA A 247 3.73 16.07 -24.79
CA ALA A 247 4.85 17.00 -24.64
C ALA A 247 6.22 16.37 -24.90
N GLN A 248 6.31 15.04 -24.78
CA GLN A 248 7.52 14.31 -25.13
C GLN A 248 7.16 12.94 -25.69
N PRO A 249 7.01 12.84 -27.01
CA PRO A 249 6.52 11.66 -27.74
C PRO A 249 7.53 10.53 -27.92
N ALA A 250 8.78 10.72 -27.49
CA ALA A 250 9.79 9.67 -27.56
C ALA A 250 10.44 9.34 -26.21
N SER A 251 9.92 9.93 -25.13
CA SER A 251 10.41 9.57 -23.80
C SER A 251 10.05 8.12 -23.52
N PRO A 252 10.82 7.45 -22.65
CA PRO A 252 10.66 6.00 -22.43
C PRO A 252 9.27 5.59 -21.97
N CYS A 253 8.80 4.46 -22.46
CA CYS A 253 7.55 3.88 -21.98
C CYS A 253 7.50 2.38 -22.24
N PHE A 254 6.53 1.70 -21.62
CA PHE A 254 6.34 0.28 -21.85
C PHE A 254 6.01 -0.03 -23.31
N ALA A 255 5.27 0.87 -23.96
CA ALA A 255 4.89 0.68 -25.35
C ALA A 255 6.08 0.38 -26.24
N GLN A 256 7.25 0.91 -25.87
CA GLN A 256 8.44 0.76 -26.70
C GLN A 256 9.16 -0.55 -26.40
N LEU A 257 9.11 -0.96 -25.13
CA LEU A 257 9.81 -2.15 -24.69
C LEU A 257 9.06 -3.40 -25.12
N VAL A 258 9.10 -3.67 -26.42
CA VAL A 258 8.29 -4.72 -27.04
C VAL A 258 8.79 -6.13 -26.70
N ASP A 259 10.03 -6.23 -26.22
CA ASP A 259 10.57 -7.52 -25.82
C ASP A 259 11.63 -7.40 -24.72
N GLY A 260 12.20 -8.53 -24.31
CA GLY A 260 13.24 -8.55 -23.29
C GLY A 260 14.50 -7.80 -23.68
N HIS A 261 14.89 -7.89 -24.95
CA HIS A 261 16.10 -7.22 -25.41
C HIS A 261 15.93 -5.69 -25.36
N ALA A 262 14.72 -5.23 -25.67
CA ALA A 262 14.41 -3.81 -25.55
C ALA A 262 14.51 -3.37 -24.10
N ALA A 263 13.92 -4.16 -23.21
CA ALA A 263 13.98 -3.88 -21.79
C ALA A 263 15.43 -3.85 -21.30
N ARG A 264 16.24 -4.76 -21.79
CA ARG A 264 17.66 -4.80 -21.40
C ARG A 264 18.36 -3.51 -21.83
N ARG A 265 18.10 -3.05 -23.05
CA ARG A 265 18.75 -1.86 -23.58
C ARG A 265 18.41 -0.66 -22.70
N PHE A 266 17.15 -0.62 -22.31
CA PHE A 266 16.60 0.44 -21.46
C PHE A 266 17.27 0.45 -20.10
N PHE A 267 17.37 -0.72 -19.47
CA PHE A 267 18.03 -0.80 -18.16
C PHE A 267 19.53 -0.46 -18.22
N GLN A 268 20.23 -0.97 -19.22
CA GLN A 268 21.67 -0.75 -19.31
C GLN A 268 21.99 0.74 -19.48
N ARG A 269 21.11 1.46 -20.14
CA ARG A 269 21.29 2.89 -20.32
C ARG A 269 20.83 3.70 -19.10
N GLN A 270 19.62 3.41 -18.63
CA GLN A 270 18.98 4.27 -17.62
C GLN A 270 19.25 3.85 -16.18
N PHE A 271 19.47 2.56 -15.98
CA PHE A 271 19.76 2.01 -14.67
C PHE A 271 21.00 1.11 -14.74
N PRO A 272 22.15 1.66 -15.15
CA PRO A 272 23.40 0.94 -15.41
C PRO A 272 23.92 0.11 -14.23
N ASP A 273 23.67 0.54 -13.00
CA ASP A 273 24.17 -0.19 -11.83
C ASP A 273 23.20 -1.28 -11.40
N LEU A 274 21.96 -1.16 -11.86
CA LEU A 274 20.92 -2.12 -11.50
C LEU A 274 20.86 -3.25 -12.52
N SER A 275 20.99 -2.92 -13.80
CA SER A 275 20.89 -3.89 -14.89
C SER A 275 21.67 -5.19 -14.64
N PRO A 276 22.96 -5.09 -14.27
CA PRO A 276 23.79 -6.27 -14.03
C PRO A 276 23.21 -7.20 -12.96
N MET A 277 22.38 -6.66 -12.09
CA MET A 277 21.79 -7.43 -10.99
C MET A 277 20.52 -8.14 -11.40
N LEU A 278 20.00 -7.80 -12.58
CA LEU A 278 18.75 -8.39 -13.07
C LEU A 278 19.00 -9.48 -14.10
N ASP A 279 19.51 -10.62 -13.64
CA ASP A 279 19.92 -11.70 -14.54
C ASP A 279 18.80 -12.20 -15.43
N SER A 280 17.61 -12.32 -14.87
CA SER A 280 16.46 -12.85 -15.60
C SER A 280 15.54 -11.74 -16.11
N LEU A 281 16.13 -10.57 -16.40
CA LEU A 281 15.34 -9.40 -16.83
C LEU A 281 14.49 -9.71 -18.05
N GLU A 282 15.11 -10.31 -19.05
CA GLU A 282 14.43 -10.62 -20.31
C GLU A 282 13.20 -11.53 -20.14
N GLN A 283 13.38 -12.62 -19.40
CA GLN A 283 12.29 -13.57 -19.13
C GLN A 283 11.18 -12.93 -18.31
N ASP A 284 11.55 -12.43 -17.14
CA ASP A 284 10.60 -11.80 -16.22
C ASP A 284 9.80 -10.71 -16.92
N PHE A 285 10.48 -9.93 -17.76
CA PHE A 285 9.82 -8.82 -18.44
C PHE A 285 8.74 -9.33 -19.39
N GLU A 286 9.03 -10.42 -20.09
CA GLU A 286 8.12 -10.96 -21.09
C GLU A 286 7.04 -11.88 -20.51
N HIS A 287 7.31 -12.44 -19.34
CA HIS A 287 6.38 -13.40 -18.74
C HIS A 287 5.58 -12.79 -17.59
N HIS A 288 6.12 -11.74 -16.96
CA HIS A 288 5.36 -10.97 -15.98
C HIS A 288 4.56 -9.87 -16.70
N PRO A 289 3.23 -9.94 -16.62
CA PRO A 289 2.34 -8.93 -17.20
C PRO A 289 2.62 -7.51 -16.68
N THR A 290 2.35 -6.49 -17.49
CA THR A 290 2.50 -5.08 -17.07
C THR A 290 1.28 -4.62 -16.25
N GLY A 291 1.53 -4.14 -15.04
CA GLY A 291 0.45 -3.76 -14.13
C GLY A 291 -0.13 -2.38 -14.35
N LYS A 292 -1.41 -2.23 -13.99
CA LYS A 292 -2.09 -0.95 -14.07
C LYS A 292 -2.20 -0.35 -12.68
N LEU A 293 -2.09 0.97 -12.59
CA LEU A 293 -2.24 1.68 -11.32
C LEU A 293 -3.39 2.65 -11.44
N ALA A 294 -4.07 2.93 -10.33
CA ALA A 294 -5.16 3.88 -10.39
C ALA A 294 -5.62 4.27 -8.99
N THR A 295 -6.36 5.38 -8.91
CA THR A 295 -7.01 5.77 -7.67
C THR A 295 -8.51 5.77 -7.93
N LEU A 296 -9.27 5.07 -7.09
CA LEU A 296 -10.72 5.01 -7.24
C LEU A 296 -11.40 5.46 -5.95
N ARG A 297 -12.28 6.45 -6.06
CA ARG A 297 -12.98 7.05 -4.93
C ARG A 297 -14.48 6.79 -5.00
N LEU A 298 -15.06 6.41 -3.87
CA LEU A 298 -16.52 6.23 -3.72
C LEU A 298 -17.10 7.17 -2.67
N THR A 299 -18.36 7.58 -2.85
CA THR A 299 -19.04 8.44 -1.88
C THR A 299 -19.58 7.63 -0.71
N THR A 300 -19.84 6.35 -0.95
CA THR A 300 -20.20 5.46 0.16
C THR A 300 -19.73 4.03 -0.10
N TRP A 301 -19.59 3.26 0.99
CA TRP A 301 -19.00 1.93 0.93
C TRP A 301 -19.98 0.83 1.34
N HIS A 302 -21.25 1.17 1.50
CA HIS A 302 -22.20 0.15 1.97
C HIS A 302 -23.58 0.33 1.37
N VAL A 303 -24.35 -0.76 1.38
CA VAL A 303 -25.74 -0.77 0.99
C VAL A 303 -26.51 -1.19 2.21
N GLY A 304 -27.24 -0.26 2.82
CA GLY A 304 -28.01 -0.51 4.03
C GLY A 304 -27.18 -1.28 5.03
N GLY A 305 -27.76 -2.34 5.58
CA GLY A 305 -26.98 -3.23 6.43
C GLY A 305 -26.65 -4.53 5.72
N GLN A 306 -26.73 -4.54 4.38
CA GLN A 306 -26.57 -5.76 3.60
C GLN A 306 -25.13 -6.07 3.21
N ALA A 307 -24.38 -5.03 2.87
CA ALA A 307 -23.03 -5.26 2.34
C ALA A 307 -22.14 -4.03 2.51
N VAL A 308 -20.83 -4.27 2.63
CA VAL A 308 -19.88 -3.19 2.87
C VAL A 308 -18.57 -3.58 2.18
N LEU A 309 -17.81 -2.56 1.78
CA LEU A 309 -16.51 -2.77 1.13
C LEU A 309 -15.40 -2.34 2.08
N LEU A 310 -14.23 -2.97 1.98
CA LEU A 310 -13.07 -2.43 2.67
C LEU A 310 -11.78 -2.76 1.93
N GLY A 311 -10.68 -2.16 2.37
CA GLY A 311 -9.39 -2.35 1.70
C GLY A 311 -9.42 -1.85 0.28
N ASP A 312 -8.72 -2.54 -0.62
CA ASP A 312 -8.68 -2.12 -2.02
C ASP A 312 -10.04 -2.13 -2.68
N ALA A 313 -10.96 -2.96 -2.19
CA ALA A 313 -12.32 -2.96 -2.75
C ALA A 313 -13.00 -1.61 -2.58
N ALA A 314 -12.69 -0.92 -1.50
CA ALA A 314 -13.32 0.37 -1.20
C ALA A 314 -12.55 1.55 -1.75
N HIS A 315 -11.21 1.45 -1.79
CA HIS A 315 -10.38 2.61 -2.10
C HIS A 315 -9.02 2.28 -2.78
N PRO A 316 -9.06 1.77 -4.01
CA PRO A 316 -7.81 1.55 -4.75
C PRO A 316 -6.95 2.82 -4.72
N MET A 317 -5.66 2.68 -4.44
CA MET A 317 -4.76 3.85 -4.40
C MET A 317 -3.48 3.51 -5.15
N VAL A 318 -2.76 4.52 -5.63
CA VAL A 318 -1.48 4.26 -6.27
C VAL A 318 -0.47 3.83 -5.20
N PRO A 319 0.47 2.94 -5.56
CA PRO A 319 1.34 2.29 -4.56
C PRO A 319 2.56 3.10 -4.13
N PHE A 320 2.60 4.40 -4.40
CA PHE A 320 3.83 5.17 -4.19
C PHE A 320 4.11 5.54 -2.73
N HIS A 321 3.22 5.16 -1.81
CA HIS A 321 3.46 5.39 -0.38
C HIS A 321 3.66 4.11 0.43
N GLY A 322 3.47 2.96 -0.21
CA GLY A 322 3.59 1.69 0.48
C GLY A 322 2.65 1.57 1.66
N GLN A 323 1.39 1.89 1.44
CA GLN A 323 0.42 2.02 2.53
C GLN A 323 -0.89 1.27 2.28
N GLY A 324 -1.06 0.73 1.09
CA GLY A 324 -2.33 0.09 0.73
C GLY A 324 -2.69 -1.04 1.66
N MET A 325 -1.73 -1.95 1.89
CA MET A 325 -1.96 -3.04 2.83
C MET A 325 -2.16 -2.51 4.24
N ASN A 326 -1.32 -1.55 4.63
CA ASN A 326 -1.40 -0.98 5.97
C ASN A 326 -2.79 -0.38 6.19
N CYS A 327 -3.28 0.34 5.20
CA CYS A 327 -4.62 0.92 5.29
C CYS A 327 -5.70 -0.16 5.34
N ALA A 328 -5.56 -1.20 4.52
CA ALA A 328 -6.51 -2.33 4.54
C ALA A 328 -6.58 -3.04 5.91
N LEU A 329 -5.45 -3.20 6.57
CA LEU A 329 -5.45 -3.83 7.89
C LEU A 329 -6.14 -2.93 8.91
N GLU A 330 -5.85 -1.63 8.87
CA GLU A 330 -6.55 -0.65 9.69
C GLU A 330 -8.07 -0.71 9.46
N ASP A 331 -8.47 -0.83 8.19
CA ASP A 331 -9.89 -0.92 7.83
C ASP A 331 -10.53 -2.10 8.54
N ALA A 332 -9.86 -3.25 8.49
CA ALA A 332 -10.40 -4.48 9.06
C ALA A 332 -10.68 -4.32 10.54
N VAL A 333 -9.73 -3.73 11.25
CA VAL A 333 -9.89 -3.47 12.68
C VAL A 333 -11.11 -2.58 12.90
N ALA A 334 -11.20 -1.51 12.11
CA ALA A 334 -12.31 -0.57 12.28
C ALA A 334 -13.67 -1.20 11.97
N LEU A 335 -13.74 -2.03 10.93
CA LEU A 335 -15.01 -2.65 10.57
C LEU A 335 -15.49 -3.59 11.68
N ALA A 336 -14.58 -4.39 12.22
CA ALA A 336 -14.90 -5.29 13.30
C ALA A 336 -15.34 -4.52 14.54
N GLU A 337 -14.68 -3.40 14.83
CA GLU A 337 -15.07 -2.60 15.99
C GLU A 337 -16.49 -2.07 15.84
N HIS A 338 -16.81 -1.53 14.67
CA HIS A 338 -18.15 -1.00 14.44
C HIS A 338 -19.23 -2.08 14.45
N LEU A 339 -18.96 -3.23 13.83
CA LEU A 339 -19.94 -4.32 13.83
C LEU A 339 -20.23 -4.82 15.24
N GLN A 340 -19.28 -4.60 16.15
CA GLN A 340 -19.42 -5.09 17.52
C GLN A 340 -20.03 -4.07 18.47
N SER A 341 -20.23 -2.85 17.97
CA SER A 341 -20.86 -1.80 18.77
C SER A 341 -21.74 -0.92 17.88
N ALA A 342 -22.99 -1.34 17.71
CA ALA A 342 -23.94 -0.67 16.81
C ALA A 342 -25.38 -1.08 17.12
N ALA A 343 -26.33 -0.20 16.87
CA ALA A 343 -27.74 -0.51 17.11
C ALA A 343 -28.27 -1.53 16.11
N ASP A 344 -27.65 -1.57 14.93
CA ASP A 344 -27.96 -2.57 13.91
C ASP A 344 -26.86 -2.53 12.86
N ASN A 345 -26.85 -3.49 11.94
CA ASN A 345 -25.75 -3.56 10.98
C ASN A 345 -25.70 -2.33 10.08
N ALA A 346 -26.86 -1.78 9.72
CA ALA A 346 -26.88 -0.59 8.87
C ALA A 346 -26.16 0.59 9.52
N SER A 347 -26.38 0.78 10.82
CA SER A 347 -25.70 1.84 11.58
C SER A 347 -24.22 1.55 11.71
N ALA A 348 -23.88 0.29 11.92
CA ALA A 348 -22.46 -0.12 11.97
C ALA A 348 -21.74 0.22 10.67
N LEU A 349 -22.35 -0.12 9.53
CA LEU A 349 -21.70 0.07 8.24
C LEU A 349 -21.56 1.56 7.87
N ALA A 350 -22.58 2.35 8.20
CA ALA A 350 -22.53 3.79 8.01
C ALA A 350 -21.46 4.42 8.90
N ALA A 351 -21.34 3.95 10.14
CA ALA A 351 -20.37 4.55 11.05
C ALA A 351 -18.94 4.14 10.66
N PHE A 352 -18.80 2.92 10.15
CA PHE A 352 -17.50 2.46 9.63
C PHE A 352 -17.09 3.36 8.47
N THR A 353 -18.03 3.60 7.56
CA THR A 353 -17.77 4.43 6.40
C THR A 353 -17.41 5.87 6.77
N ALA A 354 -18.17 6.46 7.69
CA ALA A 354 -17.90 7.82 8.15
C ALA A 354 -16.50 7.96 8.78
N GLN A 355 -16.06 6.93 9.50
CA GLN A 355 -14.75 6.93 10.12
C GLN A 355 -13.61 6.78 9.11
N ARG A 356 -13.74 5.82 8.20
CA ARG A 356 -12.61 5.41 7.38
C ARG A 356 -12.50 6.10 6.04
N GLN A 357 -13.61 6.63 5.54
CA GLN A 357 -13.59 7.21 4.20
C GLN A 357 -12.70 8.47 4.12
N PRO A 358 -12.74 9.35 5.14
CA PRO A 358 -11.83 10.51 5.14
C PRO A 358 -10.36 10.11 5.20
N ASP A 359 -10.06 9.03 5.90
CA ASP A 359 -8.69 8.53 6.01
C ASP A 359 -8.22 7.96 4.68
N ALA A 360 -9.11 7.24 4.01
CA ALA A 360 -8.78 6.66 2.70
C ALA A 360 -8.53 7.76 1.67
N LEU A 361 -9.40 8.77 1.65
CA LEU A 361 -9.19 9.92 0.77
C LEU A 361 -7.83 10.59 1.02
N ALA A 362 -7.45 10.68 2.29
CA ALA A 362 -6.19 11.33 2.63
C ALA A 362 -4.98 10.53 2.15
N ILE A 363 -4.96 9.22 2.40
CA ILE A 363 -3.81 8.43 1.93
C ILE A 363 -3.81 8.29 0.41
N GLN A 364 -4.98 8.30 -0.21
CA GLN A 364 -5.01 8.25 -1.67
C GLN A 364 -4.30 9.48 -2.24
N ALA A 365 -4.58 10.64 -1.66
CA ALA A 365 -3.99 11.89 -2.10
C ALA A 365 -2.50 11.94 -1.79
N MET A 366 -2.13 11.43 -0.61
CA MET A 366 -0.74 11.49 -0.16
C MET A 366 0.15 10.56 -0.95
N ALA A 367 -0.42 9.42 -1.34
CA ALA A 367 0.29 8.44 -2.14
C ALA A 367 0.58 9.03 -3.51
N LEU A 368 -0.40 9.70 -4.09
CA LEU A 368 -0.19 10.33 -5.40
C LEU A 368 0.99 11.30 -5.36
N GLU A 369 1.06 12.08 -4.29
CA GLU A 369 2.10 13.09 -4.18
C GLU A 369 3.46 12.49 -3.87
N ASN A 370 3.47 11.33 -3.21
CA ASN A 370 4.73 10.73 -2.80
C ASN A 370 5.60 10.34 -3.99
N TYR A 371 5.00 10.20 -5.17
CA TYR A 371 5.78 9.85 -6.36
C TYR A 371 6.88 10.87 -6.67
N VAL A 372 6.53 12.15 -6.71
CA VAL A 372 7.48 13.19 -7.05
C VAL A 372 8.63 13.28 -6.04
N GLU A 373 8.33 12.93 -4.79
CA GLU A 373 9.34 12.99 -3.73
CA GLU A 373 9.33 12.99 -3.72
C GLU A 373 10.41 11.93 -3.96
N MET A 374 9.97 10.69 -4.20
CA MET A 374 10.88 9.57 -4.42
CA MET A 374 10.89 9.58 -4.40
C MET A 374 11.71 9.76 -5.67
N SER A 375 11.01 10.02 -6.78
CA SER A 375 11.65 10.11 -8.08
C SER A 375 11.65 11.51 -8.66
N SER A 376 12.53 12.34 -8.13
CA SER A 376 13.07 13.44 -8.90
C SER A 376 14.57 13.24 -8.78
N LYS A 377 15.09 13.57 -7.59
CA LYS A 377 16.51 13.71 -7.39
C LYS A 377 17.04 14.83 -8.27
N VAL A 378 16.09 15.46 -8.98
CA VAL A 378 16.23 16.80 -9.51
C VAL A 378 15.20 17.62 -8.74
N ALA A 379 15.70 18.49 -7.88
CA ALA A 379 14.85 19.27 -7.01
C ALA A 379 15.26 20.72 -7.07
N SER A 380 14.28 21.62 -7.09
CA SER A 380 14.58 23.05 -7.07
C SER A 380 15.24 23.36 -5.74
N PRO A 381 16.07 24.41 -5.72
CA PRO A 381 16.73 24.83 -4.49
C PRO A 381 15.68 25.28 -3.48
N THR A 382 14.51 25.70 -3.97
CA THR A 382 13.39 26.07 -3.12
C THR A 382 12.86 24.83 -2.43
N TYR A 383 12.65 23.76 -3.19
CA TYR A 383 12.22 22.50 -2.59
C TYR A 383 13.25 21.97 -1.61
N LEU A 384 14.52 22.06 -2.00
CA LEU A 384 15.62 21.60 -1.16
C LEU A 384 15.74 22.43 0.12
N LEU A 385 15.58 23.74 -0.01
CA LEU A 385 15.63 24.65 1.13
C LEU A 385 14.44 24.41 2.07
N GLU A 386 13.29 24.13 1.48
CA GLU A 386 12.12 23.74 2.27
C GLU A 386 12.41 22.49 3.09
N ARG A 387 13.00 21.48 2.46
CA ARG A 387 13.37 20.27 3.16
C ARG A 387 14.36 20.56 4.29
N GLU A 388 15.37 21.36 3.96
CA GLU A 388 16.39 21.76 4.93
C GLU A 388 15.76 22.44 6.15
N LEU A 389 14.78 23.30 5.89
CA LEU A 389 14.10 24.07 6.93
C LEU A 389 13.22 23.16 7.78
N GLY A 390 12.59 22.19 7.12
CA GLY A 390 11.69 21.27 7.78
C GLY A 390 12.40 20.34 8.76
N GLN A 391 13.61 19.94 8.42
CA GLN A 391 14.42 19.13 9.33
C GLN A 391 14.80 19.95 10.57
N ILE A 392 15.14 21.22 10.37
CA ILE A 392 15.51 22.11 11.47
C ILE A 392 14.31 22.36 12.40
N MET A 393 13.13 22.53 11.81
CA MET A 393 11.90 22.74 12.58
C MET A 393 11.54 21.49 13.39
N ALA A 394 11.77 20.31 12.81
CA ALA A 394 11.50 19.05 13.48
C ALA A 394 12.44 18.87 14.66
N GLN A 395 13.63 19.42 14.54
CA GLN A 395 14.64 19.36 15.60
C GLN A 395 14.21 20.23 16.77
N ARG A 396 13.79 21.46 16.47
CA ARG A 396 13.41 22.43 17.49
C ARG A 396 12.09 22.08 18.17
N GLN A 397 11.14 21.60 17.38
CA GLN A 397 9.80 21.32 17.88
C GLN A 397 9.36 19.92 17.46
N PRO A 398 10.05 18.89 17.97
CA PRO A 398 9.79 17.49 17.63
C PRO A 398 8.35 17.08 17.92
N THR A 399 7.70 17.81 18.81
CA THR A 399 6.33 17.52 19.23
C THR A 399 5.27 18.19 18.35
N ARG A 400 5.68 19.20 17.59
CA ARG A 400 4.74 20.00 16.79
C ARG A 400 4.95 19.77 15.31
N PHE A 401 6.21 19.77 14.90
CA PHE A 401 6.55 19.62 13.49
C PHE A 401 7.08 18.22 13.24
N ILE A 402 6.25 17.39 12.63
CA ILE A 402 6.63 16.03 12.28
C ILE A 402 6.42 15.87 10.78
N PRO A 403 7.50 15.57 10.05
CA PRO A 403 7.41 15.40 8.59
C PRO A 403 6.25 14.49 8.24
N ARG A 404 5.47 14.86 7.23
CA ARG A 404 4.29 14.08 6.87
C ARG A 404 4.63 12.60 6.65
N TYR A 405 5.75 12.34 5.98
CA TYR A 405 6.16 10.97 5.77
C TYR A 405 6.28 10.17 7.08
N SER A 406 6.81 10.81 8.12
CA SER A 406 6.96 10.16 9.42
C SER A 406 5.61 9.96 10.10
N MET A 407 4.72 10.93 9.94
CA MET A 407 3.38 10.81 10.51
C MET A 407 2.65 9.61 9.89
N VAL A 408 2.78 9.46 8.58
CA VAL A 408 2.12 8.36 7.89
C VAL A 408 2.76 7.01 8.23
N THR A 409 4.09 6.98 8.25
CA THR A 409 4.82 5.72 8.28
C THR A 409 5.16 5.19 9.67
N PHE A 410 5.36 6.10 10.63
CA PHE A 410 5.89 5.71 11.94
C PHE A 410 4.97 6.06 13.11
N SER A 411 3.75 6.46 12.80
CA SER A 411 2.77 6.70 13.85
C SER A 411 1.43 6.13 13.41
N ARG A 412 0.46 6.13 14.32
CA ARG A 412 -0.88 5.64 14.01
C ARG A 412 -1.87 6.79 13.94
N LEU A 413 -1.36 8.02 13.88
CA LEU A 413 -2.20 9.18 13.70
C LEU A 413 -3.04 8.91 12.47
N PRO A 414 -4.35 9.19 12.52
CA PRO A 414 -5.21 8.95 11.36
C PRO A 414 -4.71 9.67 10.12
N TYR A 415 -4.71 8.98 8.98
CA TYR A 415 -4.26 9.56 7.70
C TYR A 415 -4.78 10.99 7.48
N ALA A 416 -6.05 11.22 7.75
CA ALA A 416 -6.65 12.53 7.53
C ALA A 416 -5.98 13.61 8.39
N GLN A 417 -5.66 13.27 9.64
CA GLN A 417 -4.96 14.22 10.50
C GLN A 417 -3.54 14.47 10.01
N ALA A 418 -2.87 13.41 9.58
CA ALA A 418 -1.52 13.54 9.06
C ALA A 418 -1.50 14.47 7.85
N MET A 419 -2.51 14.32 6.97
CA MET A 419 -2.57 15.21 5.80
C MET A 419 -2.83 16.66 6.22
N ALA A 420 -3.70 16.83 7.20
CA ALA A 420 -4.07 18.19 7.63
C ALA A 420 -2.89 18.93 8.23
N ARG A 421 -2.17 18.26 9.12
CA ARG A 421 -0.95 18.82 9.71
C ARG A 421 0.13 19.02 8.65
N GLY A 422 0.26 18.05 7.74
CA GLY A 422 1.22 18.15 6.66
C GLY A 422 0.94 19.38 5.81
N GLN A 423 -0.34 19.67 5.59
CA GLN A 423 -0.74 20.85 4.83
C GLN A 423 -0.32 22.15 5.54
N ILE A 424 -0.50 22.19 6.86
CA ILE A 424 -0.12 23.37 7.64
C ILE A 424 1.38 23.54 7.61
N GLN A 425 2.09 22.43 7.78
CA GLN A 425 3.55 22.41 7.72
C GLN A 425 4.05 22.83 6.35
N GLU A 426 3.35 22.39 5.31
CA GLU A 426 3.72 22.76 3.95
C GLU A 426 3.58 24.28 3.74
N GLN A 427 2.47 24.85 4.22
CA GLN A 427 2.25 26.29 4.06
C GLN A 427 3.33 27.09 4.76
N LEU A 428 3.60 26.71 6.01
CA LEU A 428 4.63 27.34 6.83
C LEU A 428 5.97 27.41 6.11
N LEU A 429 6.44 26.25 5.66
CA LEU A 429 7.75 26.13 5.00
C LEU A 429 7.83 26.97 3.74
N LYS A 430 6.79 26.88 2.91
CA LYS A 430 6.83 27.56 1.62
C LYS A 430 6.85 29.08 1.77
N PHE A 431 6.06 29.62 2.69
CA PHE A 431 6.06 31.07 2.94
C PHE A 431 7.36 31.55 3.59
N ALA A 432 7.95 30.71 4.43
CA ALA A 432 9.22 31.04 5.07
C ALA A 432 10.38 31.03 4.08
N VAL A 433 10.33 30.10 3.14
CA VAL A 433 11.43 29.89 2.19
C VAL A 433 11.34 30.76 0.93
N ALA A 434 10.12 31.14 0.56
CA ALA A 434 9.88 31.93 -0.65
C ALA A 434 10.84 33.10 -0.77
N ASN A 435 11.35 33.31 -1.97
CA ASN A 435 12.32 34.39 -2.25
C ASN A 435 13.54 34.40 -1.33
N HIS A 436 14.04 33.23 -0.97
CA HIS A 436 15.33 33.12 -0.29
C HIS A 436 16.26 32.22 -1.10
N SER A 437 17.49 32.68 -1.32
CA SER A 437 18.48 31.89 -2.03
C SER A 437 18.98 30.75 -1.15
N ASP A 438 19.08 31.03 0.15
CA ASP A 438 19.70 30.11 1.09
C ASP A 438 19.19 30.28 2.51
N LEU A 439 19.59 29.37 3.38
CA LEU A 439 19.07 29.26 4.73
C LEU A 439 19.49 30.38 5.70
N THR A 440 20.60 31.06 5.40
CA THR A 440 21.10 32.11 6.29
C THR A 440 20.28 33.39 6.21
N SER A 441 19.47 33.52 5.16
CA SER A 441 18.57 34.66 5.03
C SER A 441 17.26 34.38 5.77
N ILE A 442 17.04 33.12 6.11
CA ILE A 442 15.84 32.72 6.84
C ILE A 442 16.00 32.92 8.34
N ASN A 443 15.10 33.70 8.93
CA ASN A 443 15.10 33.82 10.39
C ASN A 443 14.39 32.63 11.04
N LEU A 444 15.20 31.70 11.53
CA LEU A 444 14.68 30.50 12.16
C LEU A 444 13.80 30.81 13.37
N ASP A 445 14.10 31.90 14.08
CA ASP A 445 13.29 32.31 15.22
C ASP A 445 11.87 32.71 14.78
N ALA A 446 11.79 33.58 13.77
CA ALA A 446 10.50 33.96 13.20
C ALA A 446 9.72 32.72 12.72
N VAL A 447 10.41 31.80 12.06
CA VAL A 447 9.78 30.59 11.54
C VAL A 447 9.27 29.69 12.66
N GLU A 448 10.09 29.55 13.70
CA GLU A 448 9.75 28.69 14.82
C GLU A 448 8.53 29.23 15.53
N HIS A 449 8.49 30.55 15.69
CA HIS A 449 7.36 31.21 16.31
C HIS A 449 6.07 30.82 15.59
N GLU A 450 6.15 30.71 14.27
CA GLU A 450 4.97 30.35 13.48
C GLU A 450 4.58 28.88 13.65
N VAL A 451 5.57 28.00 13.83
CA VAL A 451 5.29 26.58 14.06
C VAL A 451 4.43 26.37 15.31
N THR A 452 4.78 27.04 16.40
CA THR A 452 4.03 26.86 17.64
C THR A 452 2.69 27.58 17.59
N ARG A 453 2.62 28.65 16.80
CA ARG A 453 1.36 29.39 16.61
C ARG A 453 0.35 28.57 15.82
N CYS A 454 0.81 27.93 14.74
CA CYS A 454 -0.07 27.26 13.80
C CYS A 454 -0.23 25.77 14.05
N LEU A 455 0.68 25.21 14.85
CA LEU A 455 0.73 23.76 15.06
C LEU A 455 0.69 23.39 16.55
N PRO A 456 -0.47 22.89 17.02
CA PRO A 456 -0.56 22.44 18.42
C PRO A 456 0.08 21.07 18.60
N PRO A 457 0.32 20.65 19.84
CA PRO A 457 0.87 19.30 20.06
C PRO A 457 -0.22 18.28 19.81
N LEU A 458 0.15 17.04 19.50
CA LEU A 458 -0.83 16.00 19.21
C LEU A 458 -1.74 15.69 20.39
PA FAD B . -6.06 -8.06 -1.74
O1A FAD B . -4.86 -8.30 -0.91
O2A FAD B . -5.76 -7.73 -3.24
O5B FAD B . -7.07 -9.28 -1.57
C5B FAD B . -8.36 -9.59 -2.11
C4B FAD B . -8.27 -11.12 -2.06
O4B FAD B . -9.27 -10.92 -3.16
C3B FAD B . -7.52 -12.16 -2.92
O3B FAD B . -7.55 -13.44 -2.38
C2B FAD B . -8.18 -11.90 -4.23
O2B FAD B . -7.83 -13.05 -5.02
C1B FAD B . -9.62 -12.19 -3.72
N9A FAD B . -10.65 -12.01 -4.85
C8A FAD B . -10.62 -11.10 -5.83
N7A FAD B . -11.72 -11.22 -6.60
C5A FAD B . -12.45 -12.21 -6.07
C6A FAD B . -13.62 -12.77 -6.43
N6A FAD B . -14.26 -12.28 -7.49
N1A FAD B . -14.17 -13.78 -5.76
C2A FAD B . -13.50 -14.28 -4.65
N3A FAD B . -12.27 -13.70 -4.31
C4A FAD B . -11.77 -12.71 -5.03
N1 FAD B . 0.74 -1.87 0.35
C2 FAD B . 1.51 -1.65 1.50
O2 FAD B . 0.98 -1.51 2.61
N3 FAD B . 2.89 -1.57 1.42
C4 FAD B . 3.51 -1.70 0.19
O4 FAD B . 4.75 -1.65 0.15
C4X FAD B . 2.76 -1.93 -0.94
N5 FAD B . 3.41 -2.06 -2.15
C5X FAD B . 2.64 -2.28 -3.29
C6 FAD B . 3.27 -2.40 -4.52
C7 FAD B . 2.54 -2.63 -5.69
C7M FAD B . 3.17 -2.77 -6.93
C8 FAD B . 1.16 -2.73 -5.61
C8M FAD B . 0.41 -2.95 -6.77
C9 FAD B . 0.53 -2.60 -4.36
C9A FAD B . 1.27 -2.37 -3.20
N10 FAD B . 0.66 -2.26 -2.00
C10 FAD B . 1.37 -2.03 -0.88
C1' FAD B . -0.83 -2.35 -1.95
C2' FAD B . -1.33 -3.60 -1.23
O2' FAD B . -0.93 -4.71 -2.07
C3' FAD B . -2.87 -3.57 -1.18
O3' FAD B . -3.42 -2.29 -0.82
C4' FAD B . -3.46 -4.70 -0.29
O4' FAD B . -3.09 -6.00 -0.81
C5' FAD B . -4.98 -4.56 -0.22
O5' FAD B . -5.40 -5.67 0.56
P FAD B . -6.87 -6.25 0.33
O1P FAD B . -7.19 -7.31 1.34
O2P FAD B . -7.94 -5.06 0.34
O3P FAD B . -6.84 -6.75 -1.19
C KYN C . 8.36 5.98 0.43
N KYN C . 8.15 4.73 2.45
OXT KYN C . 7.23 6.46 0.10
C1 KYN C . 7.33 3.49 -0.94
N1 KYN C . 7.52 0.63 0.06
O2 KYN C . 7.44 4.50 -1.58
CA KYN C . 8.45 4.61 1.08
CB KYN C . 7.47 3.57 0.57
CG KYN C . 7.06 0.95 -1.27
CZ KYN C . 6.14 1.48 -3.86
CD1 KYN C . 6.68 -0.07 -2.11
CD2 KYN C . 6.97 2.26 -1.73
CE1 KYN C . 6.22 0.18 -3.39
CE2 KYN C . 6.51 2.51 -3.03
O KYN C . 9.41 6.64 0.21
H2 KYN C . 8.91 4.57 2.94
H KYN C . 7.51 4.12 2.69
HN1 KYN C . 6.94 0.27 0.66
HN1A KYN C . 8.39 0.78 0.28
HA KYN C . 9.36 4.28 0.98
HB KYN C . 7.77 2.69 0.89
HBA KYN C . 6.60 3.75 0.96
HZ KYN C . 5.82 1.66 -4.77
HD1 KYN C . 6.73 -1.00 -1.80
HE1 KYN C . 5.97 -0.56 -3.97
HE2 KYN C . 6.45 3.43 -3.34
#